data_3IOB
#
_entry.id   3IOB
#
_cell.length_a   48.304
_cell.length_b   71.426
_cell.length_c   81.885
_cell.angle_alpha   90.00
_cell.angle_beta   99.34
_cell.angle_gamma   90.00
#
_symmetry.space_group_name_H-M   'P 1 21 1'
#
loop_
_entity.id
_entity.type
_entity.pdbx_description
1 polymer 'Pantothenate synthetase'
2 non-polymer "5'-thioadenosine"
3 non-polymer 'SULFATE ION'
4 non-polymer GLYCEROL
5 non-polymer ETHANOL
6 water water
#
_entity_poly.entity_id   1
_entity_poly.type   'polypeptide(L)'
_entity_poly.pdbx_seq_one_letter_code
;AMAIPAFHPGELNVYSAPGDVADVSRALRLTGRRVMLVPTMGALHEGHLALVRAAKRVPGSVVVVSIFVNPMQFGAGGDL
DAYPRTPDDDLAQLRAEGVEIAFTPTTAAMYPDGLRTTVQPGPLAAELEGGPRPTHFAGVLTVVLKLLQIVRPDRVFFGE
KDYQQLVLIRQLVADFNLDVAVVGVPTVREADGLAMSSRNRYLDPAQRAAAVALSAALTAAAHAATAGAQAALDAARAVL
DAAPGVAVDYLELRDIGLGPMPLNGSGRLLVAARLGTTRLLDNIAIEIGTFAGTDRPDGYR
;
_entity_poly.pdbx_strand_id   A,B
#
loop_
_chem_comp.id
_chem_comp.type
_chem_comp.name
_chem_comp.formula
A4D non-polymer 5'-thioadenosine 'C10 H13 N5 O3 S'
EOH non-polymer ETHANOL 'C2 H6 O'
GOL non-polymer GLYCEROL 'C3 H8 O3'
SO4 non-polymer 'SULFATE ION' 'O4 S -2'
#
# COMPACT_ATOMS: atom_id res chain seq x y z
N ILE A 4 8.12 -15.29 -18.60
CA ILE A 4 7.76 -16.54 -17.85
C ILE A 4 8.95 -17.51 -17.80
N PRO A 5 9.48 -17.78 -16.58
CA PRO A 5 10.44 -18.88 -16.41
C PRO A 5 9.69 -20.23 -16.34
N ALA A 6 10.44 -21.32 -16.31
CA ALA A 6 9.83 -22.67 -16.30
C ALA A 6 8.98 -22.93 -15.06
N PHE A 7 7.79 -23.50 -15.31
CA PHE A 7 6.93 -24.03 -14.25
C PHE A 7 6.61 -25.49 -14.50
N HIS A 8 7.16 -26.37 -13.65
CA HIS A 8 6.88 -27.80 -13.70
C HIS A 8 5.75 -28.15 -12.74
N PRO A 9 4.55 -28.45 -13.29
CA PRO A 9 3.39 -28.77 -12.46
C PRO A 9 3.55 -30.10 -11.72
N GLY A 10 2.95 -30.18 -10.54
CA GLY A 10 3.08 -31.36 -9.70
C GLY A 10 4.43 -31.50 -9.02
N GLU A 11 5.29 -30.50 -9.17
CA GLU A 11 6.58 -30.44 -8.47
C GLU A 11 6.71 -29.10 -7.74
N LEU A 12 7.63 -29.01 -6.78
CA LEU A 12 7.88 -27.71 -6.14
C LEU A 12 8.82 -26.89 -7.02
N ASN A 13 8.34 -25.72 -7.43
CA ASN A 13 9.13 -24.76 -8.20
C ASN A 13 9.56 -23.63 -7.26
N VAL A 14 10.88 -23.40 -7.16
CA VAL A 14 11.39 -22.34 -6.26
C VAL A 14 11.85 -21.12 -7.08
N TYR A 15 11.27 -19.96 -6.78
CA TYR A 15 11.68 -18.72 -7.46
C TYR A 15 12.13 -17.69 -6.46
N SER A 16 13.24 -17.02 -6.77
CA SER A 16 13.77 -15.97 -5.91
C SER A 16 13.44 -14.59 -6.45
N ALA A 17 13.38 -14.43 -7.75
CA ALA A 17 13.11 -13.11 -8.35
C ALA A 17 11.62 -12.73 -8.30
N PRO A 18 11.30 -11.54 -7.74
CA PRO A 18 9.88 -11.12 -7.74
C PRO A 18 9.26 -11.16 -9.14
N GLY A 19 10.01 -10.71 -10.15
CA GLY A 19 9.57 -10.80 -11.57
C GLY A 19 9.18 -12.21 -12.03
N ASP A 20 9.94 -13.21 -11.58
CA ASP A 20 9.69 -14.60 -11.94
C ASP A 20 8.37 -15.11 -11.38
N VAL A 21 8.17 -14.97 -10.06
CA VAL A 21 6.92 -15.43 -9.47
C VAL A 21 5.72 -14.62 -10.01
N ALA A 22 5.91 -13.33 -10.27
CA ALA A 22 4.84 -12.49 -10.79
C ALA A 22 4.42 -13.00 -12.17
N ASP A 23 5.41 -13.31 -13.00
CA ASP A 23 5.15 -13.83 -14.35
C ASP A 23 4.45 -15.19 -14.36
N VAL A 24 4.90 -16.09 -13.50
CA VAL A 24 4.32 -17.42 -13.42
C VAL A 24 2.90 -17.32 -12.88
N SER A 25 2.71 -16.52 -11.83
CA SER A 25 1.40 -16.34 -11.22
C SER A 25 0.38 -15.80 -12.22
N ARG A 26 0.76 -14.74 -12.94
CA ARG A 26 -0.09 -14.14 -13.96
C ARG A 26 -0.43 -15.18 -15.03
N ALA A 27 0.58 -15.93 -15.48
CA ALA A 27 0.36 -16.95 -16.51
C ALA A 27 -0.64 -18.03 -16.04
N LEU A 28 -0.49 -18.47 -14.78
CA LEU A 28 -1.41 -19.44 -14.18
C LEU A 28 -2.85 -18.90 -14.07
N ARG A 29 -2.99 -17.68 -13.57
CA ARG A 29 -4.32 -17.10 -13.44
C ARG A 29 -5.03 -16.99 -14.80
N LEU A 30 -4.27 -16.69 -15.85
CA LEU A 30 -4.85 -16.54 -17.20
C LEU A 30 -5.28 -17.88 -17.84
N THR A 31 -4.84 -19.00 -17.28
CA THR A 31 -5.28 -20.30 -17.77
C THR A 31 -6.38 -20.89 -16.87
N GLY A 32 -6.82 -20.10 -15.89
CA GLY A 32 -7.94 -20.48 -15.02
C GLY A 32 -7.62 -20.98 -13.63
N ARG A 33 -6.33 -21.13 -13.31
CA ARG A 33 -5.95 -21.59 -11.96
C ARG A 33 -6.19 -20.43 -10.99
N ARG A 34 -6.62 -20.74 -9.78
CA ARG A 34 -6.79 -19.70 -8.76
C ARG A 34 -5.57 -19.65 -7.82
N VAL A 35 -4.96 -18.48 -7.70
CA VAL A 35 -3.67 -18.42 -6.98
C VAL A 35 -3.92 -18.19 -5.48
N MET A 36 -3.33 -19.05 -4.64
CA MET A 36 -3.46 -18.92 -3.19
C MET A 36 -2.09 -18.51 -2.62
N LEU A 37 -2.08 -17.54 -1.72
CA LEU A 37 -0.78 -17.14 -1.13
C LEU A 37 -0.77 -17.42 0.35
N VAL A 38 0.30 -18.08 0.84
CA VAL A 38 0.53 -18.33 2.25
C VAL A 38 1.87 -17.64 2.63
N PRO A 39 1.80 -16.40 3.16
CA PRO A 39 3.05 -15.71 3.53
C PRO A 39 3.63 -16.25 4.83
N THR A 40 4.91 -16.60 4.80
CA THR A 40 5.58 -17.08 6.01
C THR A 40 6.98 -16.46 6.15
N MET A 41 7.55 -16.61 7.34
CA MET A 41 8.96 -16.30 7.56
C MET A 41 9.79 -17.60 7.70
N GLY A 42 9.32 -18.69 7.11
CA GLY A 42 10.04 -19.97 7.22
C GLY A 42 10.01 -20.60 8.62
N ALA A 43 10.95 -21.53 8.87
CA ALA A 43 10.92 -22.31 10.12
C ALA A 43 9.55 -22.94 10.29
N LEU A 44 9.14 -23.68 9.25
CA LEU A 44 7.78 -24.17 9.14
C LEU A 44 7.47 -25.29 10.12
N HIS A 45 6.30 -25.22 10.72
CA HIS A 45 5.76 -26.26 11.60
C HIS A 45 4.32 -26.60 11.15
N GLU A 46 3.64 -27.46 11.91
CA GLU A 46 2.31 -27.96 11.49
C GLU A 46 1.24 -26.85 11.36
N GLY A 47 1.41 -25.78 12.12
CA GLY A 47 0.56 -24.60 12.04
C GLY A 47 0.61 -23.97 10.64
N HIS A 48 1.81 -23.77 10.13
CA HIS A 48 1.98 -23.33 8.73
C HIS A 48 1.36 -24.34 7.76
N LEU A 49 1.58 -25.65 8.01
CA LEU A 49 1.05 -26.68 7.09
C LEU A 49 -0.48 -26.69 7.06
N ALA A 50 -1.13 -26.28 8.14
CA ALA A 50 -2.59 -26.10 8.15
C ALA A 50 -3.03 -24.99 7.21
N LEU A 51 -2.22 -23.91 7.11
CA LEU A 51 -2.50 -22.85 6.17
C LEU A 51 -2.38 -23.37 4.73
N VAL A 52 -1.29 -24.09 4.46
CA VAL A 52 -1.06 -24.71 3.14
C VAL A 52 -2.23 -25.63 2.77
N ARG A 53 -2.65 -26.48 3.70
CA ARG A 53 -3.74 -27.42 3.44
C ARG A 53 -5.08 -26.72 3.17
N ALA A 54 -5.35 -25.64 3.91
CA ALA A 54 -6.53 -24.80 3.66
C ALA A 54 -6.49 -24.19 2.26
N ALA A 55 -5.30 -23.75 1.84
CA ALA A 55 -5.11 -23.18 0.52
C ALA A 55 -5.31 -24.26 -0.53
N LYS A 56 -4.74 -25.45 -0.27
CA LYS A 56 -4.71 -26.52 -1.28
C LYS A 56 -6.10 -27.00 -1.64
N ARG A 57 -7.00 -26.99 -0.67
CA ARG A 57 -8.37 -27.45 -0.87
C ARG A 57 -9.30 -26.48 -1.62
N VAL A 58 -8.84 -25.26 -1.93
CA VAL A 58 -9.63 -24.37 -2.78
C VAL A 58 -9.60 -24.97 -4.19
N PRO A 59 -10.79 -25.24 -4.77
CA PRO A 59 -10.80 -25.97 -6.05
C PRO A 59 -10.04 -25.22 -7.16
N GLY A 60 -9.19 -25.96 -7.86
CA GLY A 60 -8.36 -25.41 -8.95
C GLY A 60 -7.18 -24.58 -8.46
N SER A 61 -6.92 -24.60 -7.17
CA SER A 61 -5.91 -23.75 -6.56
C SER A 61 -4.50 -24.10 -7.06
N VAL A 62 -3.65 -23.08 -7.21
CA VAL A 62 -2.19 -23.30 -7.20
C VAL A 62 -1.66 -22.58 -5.96
N VAL A 63 -0.84 -23.25 -5.16
CA VAL A 63 -0.43 -22.67 -3.86
C VAL A 63 0.96 -22.05 -3.95
N VAL A 64 1.05 -20.78 -3.55
CA VAL A 64 2.31 -20.08 -3.44
C VAL A 64 2.60 -19.83 -1.97
N VAL A 65 3.71 -20.39 -1.48
CA VAL A 65 4.13 -20.15 -0.12
C VAL A 65 5.37 -19.27 -0.22
N SER A 66 5.29 -18.09 0.40
CA SER A 66 6.46 -17.22 0.42
C SER A 66 7.19 -17.46 1.73
N ILE A 67 8.50 -17.43 1.64
CA ILE A 67 9.41 -17.54 2.78
C ILE A 67 10.36 -16.36 2.70
N PHE A 68 10.25 -15.48 3.68
CA PHE A 68 11.03 -14.24 3.69
C PHE A 68 11.09 -13.72 5.12
N VAL A 69 12.29 -13.66 5.67
CA VAL A 69 12.43 -13.14 7.04
C VAL A 69 12.58 -11.63 6.93
N ASN A 70 11.46 -10.95 7.14
CA ASN A 70 11.34 -9.56 6.73
C ASN A 70 12.04 -8.62 7.70
N PRO A 71 13.18 -8.03 7.29
CA PRO A 71 13.94 -7.19 8.23
C PRO A 71 13.14 -6.00 8.81
N MET A 72 12.16 -5.51 8.04
CA MET A 72 11.45 -4.28 8.42
C MET A 72 10.52 -4.44 9.63
N GLN A 73 10.11 -5.67 9.93
CA GLN A 73 9.24 -5.91 11.08
C GLN A 73 10.02 -6.28 12.36
N PHE A 74 11.35 -6.22 12.28
CA PHE A 74 12.20 -6.40 13.45
C PHE A 74 12.81 -5.04 13.86
N GLY A 75 13.03 -4.84 15.16
CA GLY A 75 13.87 -3.75 15.63
C GLY A 75 15.21 -4.32 16.05
N ALA A 76 16.26 -3.49 16.06
CA ALA A 76 17.58 -3.90 16.56
C ALA A 76 17.45 -4.48 17.98
N GLY A 77 18.36 -5.35 18.45
CA GLY A 77 19.64 -5.71 17.80
C GLY A 77 19.64 -6.53 16.53
N GLY A 78 19.51 -7.86 16.59
CA GLY A 78 19.29 -8.69 17.79
C GLY A 78 18.33 -9.81 17.39
N ASP A 79 17.05 -9.45 17.33
CA ASP A 79 15.98 -10.37 17.01
C ASP A 79 16.09 -10.91 15.59
N LEU A 80 16.51 -10.06 14.65
CA LEU A 80 16.55 -10.45 13.23
C LEU A 80 17.54 -11.62 13.05
N ASP A 81 18.74 -11.48 13.64
CA ASP A 81 19.76 -12.52 13.52
C ASP A 81 19.36 -13.81 14.24
N ALA A 82 18.54 -13.67 15.28
CA ALA A 82 18.11 -14.77 16.14
C ALA A 82 16.92 -15.55 15.58
N TYR A 83 16.26 -15.02 14.55
CA TYR A 83 15.10 -15.73 14.02
C TYR A 83 15.51 -17.08 13.40
N PRO A 84 14.79 -18.19 13.73
CA PRO A 84 15.22 -19.52 13.24
C PRO A 84 15.20 -19.66 11.74
N ARG A 85 16.27 -20.18 11.16
CA ARG A 85 16.27 -20.40 9.73
C ARG A 85 16.56 -21.87 9.48
N THR A 86 15.59 -22.56 8.89
CA THR A 86 15.69 -24.01 8.60
C THR A 86 15.23 -24.25 7.17
N PRO A 87 15.94 -23.68 6.19
CA PRO A 87 15.38 -23.67 4.83
C PRO A 87 15.27 -25.06 4.18
N ASP A 88 16.20 -25.95 4.51
CA ASP A 88 16.19 -27.32 3.96
C ASP A 88 14.97 -28.10 4.42
N ASP A 89 14.66 -28.02 5.71
CA ASP A 89 13.42 -28.59 6.25
C ASP A 89 12.19 -27.92 5.65
N ASP A 90 12.21 -26.58 5.52
CA ASP A 90 11.05 -25.85 4.95
C ASP A 90 10.67 -26.38 3.57
N LEU A 91 11.64 -26.41 2.67
CA LEU A 91 11.36 -26.85 1.31
C LEU A 91 10.92 -28.31 1.22
N ALA A 92 11.51 -29.16 2.06
CA ALA A 92 11.14 -30.57 2.18
C ALA A 92 9.68 -30.71 2.60
N GLN A 93 9.27 -29.93 3.60
CA GLN A 93 7.88 -29.95 4.04
C GLN A 93 6.91 -29.50 2.94
N LEU A 94 7.30 -28.50 2.16
CA LEU A 94 6.44 -28.02 1.06
C LEU A 94 6.30 -29.07 -0.04
N ARG A 95 7.39 -29.73 -0.37
CA ARG A 95 7.36 -30.89 -1.28
C ARG A 95 6.39 -31.99 -0.81
N ALA A 96 6.46 -32.35 0.47
CA ALA A 96 5.58 -33.36 1.04
C ALA A 96 4.08 -32.98 1.00
N GLU A 97 3.81 -31.68 1.00
CA GLU A 97 2.45 -31.15 0.99
C GLU A 97 1.92 -30.90 -0.43
N GLY A 98 2.76 -31.12 -1.44
CA GLY A 98 2.38 -30.98 -2.84
C GLY A 98 2.19 -29.52 -3.25
N VAL A 99 2.86 -28.60 -2.54
CA VAL A 99 2.89 -27.18 -2.91
C VAL A 99 3.71 -27.07 -4.17
N GLU A 100 3.24 -26.25 -5.12
CA GLU A 100 3.90 -26.17 -6.41
C GLU A 100 4.82 -24.98 -6.57
N ILE A 101 4.64 -23.96 -5.72
CA ILE A 101 5.48 -22.74 -5.80
C ILE A 101 5.94 -22.27 -4.41
N ALA A 102 7.26 -22.12 -4.27
CA ALA A 102 7.88 -21.47 -3.12
C ALA A 102 8.51 -20.16 -3.62
N PHE A 103 8.20 -19.06 -2.93
CA PHE A 103 8.75 -17.76 -3.34
C PHE A 103 9.74 -17.33 -2.25
N THR A 104 11.03 -17.27 -2.59
CA THR A 104 12.08 -17.06 -1.59
C THR A 104 12.93 -15.86 -2.01
N PRO A 105 12.37 -14.64 -1.89
CA PRO A 105 13.10 -13.46 -2.37
C PRO A 105 14.27 -13.07 -1.45
N THR A 106 15.24 -12.36 -2.05
CA THR A 106 16.33 -11.78 -1.27
C THR A 106 15.90 -10.43 -0.64
N THR A 107 16.61 -10.00 0.41
CA THR A 107 16.39 -8.67 0.98
C THR A 107 16.63 -7.57 -0.06
N ALA A 108 17.67 -7.72 -0.87
CA ALA A 108 17.94 -6.72 -1.91
C ALA A 108 16.80 -6.60 -2.92
N ALA A 109 16.16 -7.72 -3.28
CA ALA A 109 15.11 -7.70 -4.29
C ALA A 109 13.85 -7.05 -3.70
N MET A 110 13.65 -7.20 -2.39
CA MET A 110 12.45 -6.67 -1.73
C MET A 110 12.61 -5.20 -1.36
N TYR A 111 13.83 -4.82 -0.98
CA TYR A 111 14.13 -3.47 -0.46
C TYR A 111 15.32 -2.81 -1.19
N PRO A 112 15.25 -2.72 -2.54
CA PRO A 112 16.37 -2.20 -3.30
C PRO A 112 16.61 -0.73 -2.97
N ASP A 113 15.59 -0.04 -2.45
CA ASP A 113 15.72 1.37 -2.10
C ASP A 113 15.67 1.63 -0.61
N GLY A 114 15.88 0.59 0.18
CA GLY A 114 15.76 0.68 1.64
C GLY A 114 14.31 0.92 2.02
N LEU A 115 14.11 1.63 3.11
CA LEU A 115 12.77 2.01 3.53
C LEU A 115 12.43 3.34 2.95
N ARG A 116 11.58 3.34 1.95
CA ARG A 116 11.19 4.60 1.31
C ARG A 116 9.69 4.77 1.51
N THR A 117 8.88 4.38 0.54
CA THR A 117 7.42 4.42 0.73
C THR A 117 7.07 3.23 1.61
N THR A 118 6.24 3.46 2.64
CA THR A 118 5.86 2.40 3.57
C THR A 118 4.38 2.51 3.88
N VAL A 119 3.84 1.47 4.51
CA VAL A 119 2.45 1.48 4.94
C VAL A 119 2.45 1.97 6.39
N GLN A 120 1.57 2.93 6.64
CA GLN A 120 1.31 3.41 8.00
C GLN A 120 0.00 2.78 8.51
N PRO A 121 0.09 1.82 9.44
CA PRO A 121 -1.17 1.21 9.92
C PRO A 121 -1.99 2.19 10.76
N GLY A 122 -3.26 1.86 10.99
CA GLY A 122 -4.13 2.61 11.91
C GLY A 122 -3.68 2.47 13.38
N PRO A 123 -4.43 3.09 14.29
CA PRO A 123 -4.12 3.19 15.72
C PRO A 123 -3.96 1.81 16.40
N LEU A 124 -4.57 0.76 15.84
CA LEU A 124 -4.42 -0.60 16.43
C LEU A 124 -2.96 -1.06 16.50
N ALA A 125 -2.14 -0.62 15.54
CA ALA A 125 -0.71 -1.02 15.51
C ALA A 125 0.10 -0.48 16.70
N ALA A 126 -0.43 0.52 17.40
CA ALA A 126 0.24 1.07 18.59
C ALA A 126 -0.05 0.31 19.88
N GLU A 127 -0.98 -0.62 19.82
CA GLU A 127 -1.50 -1.28 21.01
C GLU A 127 -1.07 -2.73 21.07
N LEU A 128 -1.25 -3.35 22.25
CA LEU A 128 -0.95 -4.80 22.43
C LEU A 128 0.48 -5.12 21.98
N GLU A 129 0.66 -5.96 20.95
CA GLU A 129 2.02 -6.21 20.42
C GLU A 129 2.79 -4.95 19.99
N GLY A 130 2.08 -3.93 19.54
CA GLY A 130 2.71 -2.70 19.04
C GLY A 130 3.17 -1.73 20.11
N GLY A 131 2.74 -1.94 21.34
CA GLY A 131 3.01 -0.96 22.41
C GLY A 131 4.49 -0.65 22.56
N PRO A 132 5.28 -1.68 22.88
CA PRO A 132 6.73 -1.60 22.98
C PRO A 132 7.46 -1.66 21.64
N ARG A 133 6.73 -1.95 20.57
CA ARG A 133 7.31 -2.18 19.24
C ARG A 133 6.54 -1.35 18.22
N PRO A 134 6.63 -0.02 18.34
CA PRO A 134 5.73 0.84 17.59
C PRO A 134 5.89 0.78 16.06
N THR A 135 7.00 0.23 15.54
CA THR A 135 7.18 0.12 14.08
C THR A 135 6.95 -1.28 13.53
N HIS A 136 6.69 -2.24 14.41
CA HIS A 136 6.54 -3.64 14.03
C HIS A 136 5.49 -3.87 12.92
N PHE A 137 4.28 -3.38 13.14
CA PHE A 137 3.21 -3.69 12.18
C PHE A 137 3.31 -2.88 10.87
N ALA A 138 3.92 -1.70 10.91
CA ALA A 138 4.23 -1.01 9.64
C ALA A 138 5.14 -1.92 8.80
N GLY A 139 6.12 -2.57 9.43
CA GLY A 139 6.94 -3.58 8.71
C GLY A 139 6.17 -4.75 8.11
N VAL A 140 5.23 -5.27 8.88
CA VAL A 140 4.42 -6.42 8.49
C VAL A 140 3.50 -5.98 7.33
N LEU A 141 2.77 -4.87 7.52
CA LEU A 141 1.82 -4.46 6.50
C LEU A 141 2.50 -4.07 5.18
N THR A 142 3.70 -3.51 5.29
CA THR A 142 4.48 -3.10 4.09
C THR A 142 4.87 -4.35 3.31
N VAL A 143 5.41 -5.36 3.98
CA VAL A 143 5.82 -6.57 3.25
C VAL A 143 4.62 -7.35 2.69
N VAL A 144 3.51 -7.37 3.43
CA VAL A 144 2.37 -8.13 2.97
C VAL A 144 1.78 -7.43 1.75
N LEU A 145 1.74 -6.08 1.78
CA LEU A 145 1.26 -5.33 0.62
C LEU A 145 2.09 -5.70 -0.59
N LYS A 146 3.41 -5.66 -0.43
CA LYS A 146 4.31 -5.95 -1.55
C LYS A 146 4.10 -7.36 -2.08
N LEU A 147 3.97 -8.33 -1.17
CA LEU A 147 3.77 -9.74 -1.55
C LEU A 147 2.47 -9.90 -2.32
N LEU A 148 1.42 -9.23 -1.84
CA LEU A 148 0.13 -9.24 -2.52
C LEU A 148 0.20 -8.66 -3.93
N GLN A 149 1.01 -7.62 -4.12
CA GLN A 149 1.16 -7.01 -5.44
C GLN A 149 2.00 -7.84 -6.38
N ILE A 150 3.02 -8.49 -5.83
CA ILE A 150 3.89 -9.38 -6.62
C ILE A 150 3.10 -10.59 -7.12
N VAL A 151 2.39 -11.23 -6.21
CA VAL A 151 1.79 -12.56 -6.46
C VAL A 151 0.34 -12.41 -6.97
N ARG A 152 -0.31 -11.32 -6.58
CA ARG A 152 -1.73 -11.09 -6.93
C ARG A 152 -2.59 -12.35 -6.72
N PRO A 153 -2.64 -12.86 -5.48
CA PRO A 153 -3.44 -14.08 -5.23
C PRO A 153 -4.92 -13.73 -5.17
N ASP A 154 -5.75 -14.73 -5.40
CA ASP A 154 -7.19 -14.62 -5.11
C ASP A 154 -7.53 -14.59 -3.64
N ARG A 155 -6.77 -15.38 -2.86
CA ARG A 155 -6.95 -15.46 -1.42
C ARG A 155 -5.57 -15.52 -0.76
N VAL A 156 -5.49 -14.95 0.43
CA VAL A 156 -4.26 -14.95 1.25
C VAL A 156 -4.55 -15.51 2.64
N PHE A 157 -3.67 -16.38 3.13
CA PHE A 157 -3.97 -17.18 4.32
C PHE A 157 -3.09 -16.77 5.50
N PHE A 158 -3.74 -16.46 6.62
CA PHE A 158 -3.04 -16.12 7.87
C PHE A 158 -3.57 -16.93 9.06
N GLY A 159 -2.70 -17.24 10.01
CA GLY A 159 -3.16 -17.95 11.22
C GLY A 159 -3.83 -17.04 12.23
N GLU A 160 -4.82 -17.57 12.92
CA GLU A 160 -5.45 -16.85 14.04
C GLU A 160 -4.50 -16.64 15.23
N LYS A 161 -3.41 -17.42 15.32
CA LYS A 161 -2.48 -17.30 16.45
C LYS A 161 -2.00 -15.86 16.63
N ASP A 162 -1.66 -15.22 15.51
CA ASP A 162 -1.25 -13.84 15.58
C ASP A 162 -2.47 -13.01 15.22
N TYR A 163 -3.39 -12.88 16.18
CA TYR A 163 -4.74 -12.42 15.86
C TYR A 163 -4.69 -10.97 15.50
N GLN A 164 -3.91 -10.20 16.26
CA GLN A 164 -3.83 -8.76 15.98
C GLN A 164 -3.26 -8.52 14.59
N GLN A 165 -2.27 -9.30 14.22
CA GLN A 165 -1.75 -9.20 12.86
C GLN A 165 -2.82 -9.48 11.81
N LEU A 166 -3.65 -10.52 12.03
CA LEU A 166 -4.73 -10.88 11.09
C LEU A 166 -5.73 -9.73 10.94
N VAL A 167 -6.11 -9.13 12.07
CA VAL A 167 -7.02 -7.99 12.06
C VAL A 167 -6.44 -6.80 11.27
N LEU A 168 -5.18 -6.49 11.50
CA LEU A 168 -4.50 -5.41 10.77
C LEU A 168 -4.39 -5.70 9.28
N ILE A 169 -4.19 -6.97 8.91
CA ILE A 169 -4.19 -7.32 7.49
C ILE A 169 -5.58 -7.13 6.87
N ARG A 170 -6.65 -7.45 7.59
CA ARG A 170 -7.98 -7.20 7.07
C ARG A 170 -8.20 -5.69 6.89
N GLN A 171 -7.63 -4.90 7.80
CA GLN A 171 -7.71 -3.44 7.70
C GLN A 171 -7.00 -2.95 6.46
N LEU A 172 -5.79 -3.43 6.27
CA LEU A 172 -4.98 -3.14 5.06
C LEU A 172 -5.81 -3.39 3.80
N VAL A 173 -6.38 -4.59 3.72
CA VAL A 173 -7.15 -5.03 2.55
C VAL A 173 -8.38 -4.15 2.31
N ALA A 174 -9.15 -3.89 3.35
CA ALA A 174 -10.29 -2.97 3.27
C ALA A 174 -9.89 -1.54 2.89
N ASP A 175 -8.89 -1.00 3.60
CA ASP A 175 -8.53 0.43 3.50
C ASP A 175 -7.85 0.80 2.17
N PHE A 176 -7.13 -0.17 1.58
CA PHE A 176 -6.51 0.05 0.26
C PHE A 176 -7.29 -0.58 -0.90
N ASN A 177 -8.52 -1.04 -0.62
CA ASN A 177 -9.40 -1.66 -1.66
C ASN A 177 -8.72 -2.80 -2.40
N LEU A 178 -7.94 -3.63 -1.70
CA LEU A 178 -7.24 -4.74 -2.34
C LEU A 178 -8.22 -5.83 -2.74
N ASP A 179 -8.02 -6.35 -3.96
CA ASP A 179 -8.92 -7.35 -4.53
C ASP A 179 -8.38 -8.73 -4.16
N VAL A 180 -8.48 -9.07 -2.88
CA VAL A 180 -8.03 -10.35 -2.33
C VAL A 180 -8.91 -10.70 -1.14
N ALA A 181 -9.22 -11.97 -0.96
CA ALA A 181 -9.97 -12.39 0.23
C ALA A 181 -8.94 -12.82 1.31
N VAL A 182 -9.13 -12.33 2.53
CA VAL A 182 -8.27 -12.75 3.67
C VAL A 182 -8.94 -13.93 4.39
N VAL A 183 -8.20 -15.05 4.51
CA VAL A 183 -8.70 -16.26 5.16
C VAL A 183 -7.92 -16.49 6.43
N GLY A 184 -8.63 -16.39 7.56
CA GLY A 184 -8.04 -16.67 8.88
C GLY A 184 -8.19 -18.15 9.16
N VAL A 185 -7.11 -18.78 9.61
CA VAL A 185 -7.10 -20.24 9.85
C VAL A 185 -6.89 -20.52 11.34
N PRO A 186 -7.74 -21.41 11.94
CA PRO A 186 -7.61 -21.63 13.38
C PRO A 186 -6.25 -22.13 13.84
N THR A 187 -5.84 -21.69 15.02
CA THR A 187 -4.56 -22.07 15.62
C THR A 187 -4.41 -23.59 15.76
N VAL A 188 -3.27 -24.12 15.28
CA VAL A 188 -2.92 -25.52 15.46
C VAL A 188 -2.18 -25.66 16.79
N ARG A 189 -2.53 -26.70 17.56
CA ARG A 189 -1.98 -26.82 18.93
C ARG A 189 -1.32 -28.19 19.14
N GLU A 190 -0.37 -28.22 20.06
CA GLU A 190 0.21 -29.48 20.53
C GLU A 190 -0.87 -30.23 21.35
N ALA A 191 -0.63 -31.51 21.64
CA ALA A 191 -1.65 -32.32 22.34
C ALA A 191 -2.13 -31.73 23.68
N ASP A 192 -1.25 -31.06 24.42
CA ASP A 192 -1.64 -30.40 25.69
C ASP A 192 -2.31 -29.03 25.56
N GLY A 193 -2.45 -28.52 24.33
CA GLY A 193 -3.00 -27.17 24.13
C GLY A 193 -2.04 -26.08 23.67
N LEU A 194 -0.73 -26.26 23.88
CA LEU A 194 0.25 -25.20 23.51
C LEU A 194 0.12 -24.79 22.05
N ALA A 195 -0.07 -23.49 21.78
CA ALA A 195 -0.12 -23.01 20.39
C ALA A 195 1.22 -23.29 19.68
N MET A 196 1.17 -23.89 18.50
CA MET A 196 2.37 -24.08 17.70
C MET A 196 3.04 -22.76 17.33
N SER A 197 4.35 -22.70 17.53
CA SER A 197 5.13 -21.50 17.24
C SER A 197 6.58 -21.91 16.99
N SER A 198 7.25 -21.21 16.07
CA SER A 198 8.69 -21.45 15.89
C SER A 198 9.47 -21.03 17.15
N ARG A 199 8.86 -20.22 18.01
CA ARG A 199 9.53 -19.84 19.26
C ARG A 199 9.48 -20.92 20.36
N ASN A 200 8.67 -21.96 20.17
CA ASN A 200 8.56 -23.01 21.18
C ASN A 200 9.86 -23.79 21.35
N ARG A 201 10.70 -23.75 20.32
CA ARG A 201 12.02 -24.42 20.37
C ARG A 201 12.94 -23.80 21.44
N TYR A 202 12.63 -22.60 21.91
CA TYR A 202 13.44 -21.93 22.91
C TYR A 202 13.00 -22.15 24.37
N LEU A 203 11.97 -22.97 24.55
CA LEU A 203 11.51 -23.39 25.87
C LEU A 203 12.26 -24.64 26.31
N ASP A 204 12.91 -24.58 27.45
CA ASP A 204 13.51 -25.81 27.96
C ASP A 204 12.39 -26.73 28.50
N PRO A 205 12.72 -28.00 28.82
CA PRO A 205 11.69 -28.91 29.36
C PRO A 205 10.82 -28.32 30.48
N ALA A 206 11.41 -27.61 31.43
CA ALA A 206 10.62 -26.98 32.49
C ALA A 206 9.68 -25.89 31.98
N GLN A 207 10.22 -25.04 31.10
CA GLN A 207 9.45 -23.93 30.50
C GLN A 207 8.35 -24.47 29.61
N ARG A 208 8.65 -25.52 28.85
CA ARG A 208 7.64 -26.18 28.02
C ARG A 208 6.45 -26.65 28.87
N ALA A 209 6.75 -27.25 30.02
CA ALA A 209 5.71 -27.73 30.95
C ALA A 209 4.86 -26.56 31.43
N ALA A 210 5.51 -25.49 31.85
CA ALA A 210 4.83 -24.29 32.36
C ALA A 210 3.95 -23.58 31.30
N ALA A 211 4.45 -23.56 30.05
CA ALA A 211 3.76 -22.88 28.93
C ALA A 211 2.32 -23.33 28.62
N VAL A 212 1.92 -24.51 29.10
CA VAL A 212 0.55 -25.00 28.91
C VAL A 212 -0.44 -24.05 29.58
N ALA A 213 0.06 -23.28 30.53
CA ALA A 213 -0.81 -22.35 31.27
C ALA A 213 -1.52 -21.33 30.39
N LEU A 214 -0.90 -20.95 29.27
CA LEU A 214 -1.52 -19.93 28.41
C LEU A 214 -2.81 -20.45 27.82
N SER A 215 -2.74 -21.62 27.19
CA SER A 215 -3.92 -22.21 26.55
C SER A 215 -4.92 -22.68 27.62
N ALA A 216 -4.43 -23.24 28.73
CA ALA A 216 -5.32 -23.61 29.87
C ALA A 216 -6.13 -22.41 30.39
N ALA A 217 -5.46 -21.26 30.50
CA ALA A 217 -6.07 -20.03 31.02
C ALA A 217 -7.14 -19.55 30.05
N LEU A 218 -6.80 -19.53 28.76
CA LEU A 218 -7.75 -19.10 27.74
C LEU A 218 -8.99 -19.98 27.68
N THR A 219 -8.79 -21.31 27.66
CA THR A 219 -9.92 -22.24 27.57
C THR A 219 -10.78 -22.20 28.84
N ALA A 220 -10.14 -22.10 30.02
CA ALA A 220 -10.88 -21.87 31.27
C ALA A 220 -11.78 -20.64 31.12
N ALA A 221 -11.21 -19.54 30.63
CA ALA A 221 -11.94 -18.27 30.51
C ALA A 221 -13.12 -18.42 29.56
N ALA A 222 -12.88 -19.09 28.43
CA ALA A 222 -13.95 -19.29 27.45
C ALA A 222 -15.16 -19.99 28.08
N HIS A 223 -14.90 -20.94 28.99
CA HIS A 223 -15.99 -21.68 29.65
C HIS A 223 -16.59 -20.93 30.84
N ALA A 224 -15.75 -20.18 31.54
CA ALA A 224 -16.18 -19.32 32.65
C ALA A 224 -17.10 -18.20 32.16
N ALA A 225 -17.00 -17.87 30.87
CA ALA A 225 -17.63 -16.66 30.30
C ALA A 225 -19.14 -16.64 30.36
N THR A 226 -19.76 -17.79 30.64
CA THR A 226 -21.21 -17.81 30.86
C THR A 226 -21.59 -16.94 32.03
N ALA A 227 -20.68 -16.83 33.00
CA ALA A 227 -20.80 -16.01 34.19
C ALA A 227 -20.39 -14.53 34.00
N GLY A 228 -19.96 -14.15 32.79
CA GLY A 228 -19.66 -12.75 32.48
C GLY A 228 -18.18 -12.51 32.29
N ALA A 229 -17.84 -11.26 31.92
CA ALA A 229 -16.45 -10.87 31.64
C ALA A 229 -15.51 -10.96 32.82
N GLN A 230 -15.93 -10.47 33.99
CA GLN A 230 -15.09 -10.48 35.17
C GLN A 230 -14.67 -11.93 35.52
N ALA A 231 -15.64 -12.83 35.48
CA ALA A 231 -15.44 -14.26 35.74
C ALA A 231 -14.43 -14.86 34.77
N ALA A 232 -14.60 -14.55 33.49
CA ALA A 232 -13.69 -15.07 32.44
C ALA A 232 -12.26 -14.60 32.68
N LEU A 233 -12.11 -13.29 32.88
CA LEU A 233 -10.78 -12.74 33.12
C LEU A 233 -10.13 -13.27 34.42
N ASP A 234 -10.92 -13.39 35.48
CA ASP A 234 -10.36 -13.85 36.77
C ASP A 234 -9.98 -15.34 36.71
N ALA A 235 -10.75 -16.14 35.98
CA ALA A 235 -10.41 -17.56 35.74
C ALA A 235 -9.07 -17.64 35.01
N ALA A 236 -8.88 -16.83 33.96
CA ALA A 236 -7.60 -16.84 33.22
C ALA A 236 -6.47 -16.40 34.12
N ARG A 237 -6.71 -15.33 34.88
CA ARG A 237 -5.65 -14.81 35.76
C ARG A 237 -5.24 -15.86 36.78
N ALA A 238 -6.22 -16.56 37.33
CA ALA A 238 -5.94 -17.58 38.34
C ALA A 238 -4.99 -18.68 37.83
N VAL A 239 -5.25 -19.15 36.62
CA VAL A 239 -4.44 -20.17 35.97
C VAL A 239 -3.03 -19.63 35.74
N LEU A 240 -2.93 -18.42 35.18
CA LEU A 240 -1.61 -17.83 34.89
C LEU A 240 -0.80 -17.63 36.17
N ASP A 241 -1.49 -17.17 37.21
CA ASP A 241 -0.91 -17.01 38.56
C ASP A 241 -0.42 -18.31 39.19
N ALA A 242 -1.04 -19.44 38.85
CA ALA A 242 -0.63 -20.73 39.40
C ALA A 242 0.52 -21.35 38.61
N ALA A 243 1.06 -20.61 37.63
CA ALA A 243 2.06 -21.17 36.70
C ALA A 243 3.44 -20.68 37.01
N PRO A 244 4.34 -21.64 37.30
CA PRO A 244 5.74 -21.40 37.66
C PRO A 244 6.49 -20.66 36.57
N GLY A 245 6.87 -19.42 36.85
CA GLY A 245 7.80 -18.71 35.96
C GLY A 245 7.17 -18.29 34.64
N VAL A 246 5.86 -18.09 34.65
CA VAL A 246 5.19 -17.41 33.55
C VAL A 246 5.02 -15.93 33.95
N ALA A 247 5.64 -15.04 33.19
CA ALA A 247 5.52 -13.62 33.44
C ALA A 247 4.57 -12.98 32.43
N VAL A 248 3.39 -12.57 32.90
CA VAL A 248 2.38 -12.03 31.98
C VAL A 248 2.70 -10.59 31.57
N ASP A 249 2.76 -10.36 30.25
CA ASP A 249 2.84 -9.01 29.71
C ASP A 249 1.47 -8.31 29.63
N TYR A 250 0.50 -8.96 28.98
CA TYR A 250 -0.88 -8.46 29.00
C TYR A 250 -1.88 -9.60 28.93
N LEU A 251 -3.10 -9.33 29.38
CA LEU A 251 -4.20 -10.28 29.24
C LEU A 251 -5.38 -9.38 29.02
N GLU A 252 -5.95 -9.40 27.81
CA GLU A 252 -6.99 -8.43 27.48
C GLU A 252 -8.13 -9.02 26.72
N LEU A 253 -9.33 -8.63 27.11
CA LEU A 253 -10.54 -9.07 26.44
C LEU A 253 -11.08 -7.91 25.64
N ARG A 254 -11.15 -8.10 24.32
CA ARG A 254 -11.57 -7.02 23.43
C ARG A 254 -12.71 -7.44 22.52
N ASP A 255 -13.38 -6.47 21.91
CA ASP A 255 -14.26 -6.77 20.78
C ASP A 255 -13.48 -7.51 19.69
N ILE A 256 -14.17 -8.31 18.85
CA ILE A 256 -13.47 -9.12 17.82
C ILE A 256 -12.62 -8.36 16.80
N GLY A 257 -12.99 -7.11 16.51
CA GLY A 257 -12.17 -6.32 15.62
C GLY A 257 -11.06 -5.58 16.33
N LEU A 258 -11.02 -5.67 17.67
CA LEU A 258 -9.98 -5.05 18.53
C LEU A 258 -9.97 -3.53 18.50
N GLY A 259 -11.02 -2.94 17.92
CA GLY A 259 -11.04 -1.52 17.55
C GLY A 259 -11.76 -0.66 18.57
N PRO A 260 -12.16 0.57 18.17
CA PRO A 260 -12.77 1.55 19.09
C PRO A 260 -14.25 1.23 19.38
N MET A 261 -14.48 0.03 19.90
CA MET A 261 -15.83 -0.47 20.14
C MET A 261 -15.77 -1.31 21.41
N PRO A 262 -16.79 -1.16 22.27
CA PRO A 262 -16.84 -1.94 23.51
C PRO A 262 -17.17 -3.40 23.27
N LEU A 263 -16.72 -4.25 24.19
CA LEU A 263 -17.10 -5.65 24.17
C LEU A 263 -18.63 -5.85 24.28
N ASN A 264 -19.22 -6.58 23.33
CA ASN A 264 -20.63 -6.99 23.45
C ASN A 264 -20.73 -8.49 23.80
N GLY A 265 -21.39 -9.25 22.95
CA GLY A 265 -21.55 -10.69 23.15
C GLY A 265 -20.43 -11.54 22.58
N SER A 266 -19.58 -10.95 21.73
CA SER A 266 -18.50 -11.68 21.04
C SER A 266 -17.18 -10.96 21.19
N GLY A 267 -16.20 -11.65 21.75
CA GLY A 267 -14.92 -11.02 21.96
C GLY A 267 -13.76 -11.96 21.64
N ARG A 268 -12.56 -11.43 21.80
CA ARG A 268 -11.35 -12.19 21.72
C ARG A 268 -10.55 -11.92 22.99
N LEU A 269 -10.09 -12.98 23.64
CA LEU A 269 -9.23 -12.85 24.82
C LEU A 269 -7.80 -13.09 24.32
N LEU A 270 -6.92 -12.11 24.57
CA LEU A 270 -5.54 -12.21 24.11
C LEU A 270 -4.56 -12.20 25.26
N VAL A 271 -3.55 -13.05 25.15
CA VAL A 271 -2.51 -13.09 26.18
C VAL A 271 -1.10 -13.07 25.54
N ALA A 272 -0.15 -12.44 26.23
CA ALA A 272 1.25 -12.51 25.88
C ALA A 272 2.03 -12.67 27.19
N ALA A 273 3.01 -13.57 27.19
CA ALA A 273 3.73 -13.87 28.44
C ALA A 273 5.14 -14.29 28.10
N ARG A 274 6.04 -14.04 29.04
CA ARG A 274 7.44 -14.45 28.92
C ARG A 274 7.71 -15.66 29.78
N LEU A 275 8.37 -16.65 29.17
CA LEU A 275 8.92 -17.79 29.87
C LEU A 275 10.44 -17.68 29.69
N GLY A 276 11.14 -17.20 30.72
CA GLY A 276 12.55 -16.82 30.49
C GLY A 276 12.62 -15.69 29.47
N THR A 277 13.40 -15.86 28.41
CA THR A 277 13.50 -14.84 27.38
C THR A 277 12.52 -15.06 26.23
N THR A 278 11.81 -16.19 26.24
CA THR A 278 10.87 -16.51 25.16
C THR A 278 9.50 -15.89 25.40
N ARG A 279 9.06 -15.02 24.48
CA ARG A 279 7.75 -14.38 24.59
C ARG A 279 6.74 -15.18 23.77
N LEU A 280 5.64 -15.59 24.41
CA LEU A 280 4.64 -16.46 23.78
C LEU A 280 3.32 -15.72 23.70
N LEU A 281 2.58 -15.93 22.60
CA LEU A 281 1.23 -15.37 22.41
C LEU A 281 0.21 -16.47 22.29
N ASP A 282 -1.04 -16.15 22.66
CA ASP A 282 -2.16 -17.04 22.36
C ASP A 282 -3.43 -16.21 22.47
N ASN A 283 -4.51 -16.69 21.87
CA ASN A 283 -5.79 -16.00 21.95
C ASN A 283 -6.91 -16.99 21.69
N ILE A 284 -8.14 -16.59 22.05
CA ILE A 284 -9.28 -17.45 21.88
C ILE A 284 -10.54 -16.61 21.69
N ALA A 285 -11.50 -17.19 20.97
CA ALA A 285 -12.83 -16.61 20.88
C ALA A 285 -13.53 -16.74 22.22
N ILE A 286 -14.24 -15.68 22.61
CA ILE A 286 -15.01 -15.64 23.85
C ILE A 286 -16.46 -15.21 23.51
N GLU A 287 -17.46 -15.96 23.99
CA GLU A 287 -18.84 -15.47 23.96
C GLU A 287 -19.30 -15.18 25.38
N ILE A 288 -19.84 -13.99 25.61
CA ILE A 288 -20.19 -13.58 26.97
C ILE A 288 -21.63 -14.00 27.29
N GLY A 289 -21.86 -14.63 28.44
CA GLY A 289 -23.20 -15.14 28.81
C GLY A 289 -23.75 -16.18 27.83
N THR A 290 -22.83 -16.91 27.18
CA THR A 290 -23.13 -17.83 26.08
C THR A 290 -22.13 -19.00 26.10
N ALA B 3 -23.61 -10.18 -10.76
CA ALA B 3 -23.91 -9.62 -12.12
C ALA B 3 -23.19 -8.29 -12.35
N ILE B 4 -22.50 -8.20 -13.49
CA ILE B 4 -21.72 -7.01 -13.84
C ILE B 4 -22.64 -5.79 -14.09
N PRO B 5 -22.32 -4.62 -13.51
CA PRO B 5 -23.15 -3.42 -13.81
C PRO B 5 -23.24 -3.12 -15.30
N ALA B 6 -24.29 -2.44 -15.72
CA ALA B 6 -24.48 -2.10 -17.13
C ALA B 6 -23.33 -1.21 -17.65
N PHE B 7 -22.78 -1.57 -18.80
CA PHE B 7 -21.81 -0.72 -19.50
C PHE B 7 -22.22 -0.54 -20.95
N HIS B 8 -22.49 0.71 -21.34
CA HIS B 8 -22.87 1.05 -22.71
C HIS B 8 -21.66 1.61 -23.48
N PRO B 9 -21.11 0.82 -24.42
CA PRO B 9 -19.95 1.24 -25.20
C PRO B 9 -20.22 2.52 -25.99
N GLY B 10 -19.20 3.38 -26.07
CA GLY B 10 -19.31 4.63 -26.82
C GLY B 10 -20.09 5.73 -26.13
N GLU B 11 -20.59 5.45 -24.92
CA GLU B 11 -21.29 6.45 -24.13
C GLU B 11 -20.48 6.72 -22.86
N LEU B 12 -20.70 7.87 -22.23
CA LEU B 12 -20.13 8.13 -20.90
C LEU B 12 -20.92 7.38 -19.83
N ASN B 13 -20.26 6.42 -19.19
CA ASN B 13 -20.86 5.59 -18.14
C ASN B 13 -20.37 6.10 -16.79
N VAL B 14 -21.28 6.59 -15.96
CA VAL B 14 -20.90 7.20 -14.68
C VAL B 14 -21.21 6.24 -13.52
N TYR B 15 -20.18 5.99 -12.70
CA TYR B 15 -20.29 5.08 -11.57
C TYR B 15 -19.80 5.77 -10.32
N SER B 16 -20.56 5.63 -9.25
CA SER B 16 -20.18 6.24 -7.97
C SER B 16 -19.70 5.23 -6.96
N ALA B 17 -20.10 3.96 -7.11
CA ALA B 17 -19.73 2.91 -6.17
C ALA B 17 -18.36 2.34 -6.59
N PRO B 18 -17.35 2.34 -5.68
CA PRO B 18 -16.09 1.67 -6.04
C PRO B 18 -16.24 0.22 -6.58
N GLY B 19 -17.07 -0.59 -5.93
CA GLY B 19 -17.32 -1.93 -6.39
C GLY B 19 -17.83 -1.98 -7.82
N ASP B 20 -18.70 -1.04 -8.20
CA ASP B 20 -19.24 -1.01 -9.58
C ASP B 20 -18.15 -0.77 -10.65
N VAL B 21 -17.34 0.25 -10.45
CA VAL B 21 -16.28 0.51 -11.44
C VAL B 21 -15.24 -0.62 -11.45
N ALA B 22 -14.99 -1.19 -10.28
CA ALA B 22 -14.08 -2.34 -10.16
C ALA B 22 -14.57 -3.51 -11.02
N ASP B 23 -15.87 -3.84 -10.92
CA ASP B 23 -16.44 -4.96 -11.69
C ASP B 23 -16.47 -4.70 -13.18
N VAL B 24 -16.80 -3.47 -13.57
CA VAL B 24 -16.84 -3.12 -14.99
C VAL B 24 -15.42 -3.10 -15.57
N SER B 25 -14.48 -2.56 -14.81
CA SER B 25 -13.11 -2.51 -15.28
C SER B 25 -12.57 -3.93 -15.50
N ARG B 26 -12.77 -4.81 -14.53
CA ARG B 26 -12.36 -6.22 -14.63
C ARG B 26 -12.98 -6.93 -15.84
N ALA B 27 -14.30 -6.78 -16.00
CA ALA B 27 -15.03 -7.33 -17.15
C ALA B 27 -14.46 -6.82 -18.47
N LEU B 28 -14.25 -5.51 -18.57
CA LEU B 28 -13.74 -4.92 -19.82
C LEU B 28 -12.35 -5.42 -20.19
N ARG B 29 -11.46 -5.56 -19.19
CA ARG B 29 -10.12 -6.06 -19.46
C ARG B 29 -10.10 -7.48 -20.02
N LEU B 30 -11.05 -8.30 -19.56
CA LEU B 30 -11.21 -9.68 -20.04
C LEU B 30 -11.67 -9.72 -21.50
N THR B 31 -12.42 -8.71 -21.91
CA THR B 31 -12.93 -8.59 -23.28
C THR B 31 -11.84 -8.07 -24.25
N GLY B 32 -10.64 -7.82 -23.74
CA GLY B 32 -9.56 -7.31 -24.56
C GLY B 32 -9.52 -5.80 -24.69
N ARG B 33 -9.88 -5.08 -23.62
CA ARG B 33 -9.62 -3.63 -23.58
C ARG B 33 -8.39 -3.39 -22.69
N ARG B 34 -7.70 -2.28 -22.90
CA ARG B 34 -6.63 -1.88 -21.99
C ARG B 34 -7.15 -0.69 -21.21
N VAL B 35 -7.23 -0.83 -19.90
CA VAL B 35 -7.86 0.17 -19.02
C VAL B 35 -6.87 1.28 -18.69
N MET B 36 -7.25 2.53 -18.98
CA MET B 36 -6.41 3.70 -18.74
C MET B 36 -7.05 4.52 -17.63
N LEU B 37 -6.27 4.93 -16.64
CA LEU B 37 -6.84 5.72 -15.54
C LEU B 37 -6.26 7.13 -15.55
N VAL B 38 -7.13 8.10 -15.47
CA VAL B 38 -6.78 9.51 -15.38
C VAL B 38 -7.44 10.10 -14.11
N PRO B 39 -6.67 10.17 -13.05
CA PRO B 39 -7.20 10.68 -11.79
C PRO B 39 -7.31 12.20 -11.83
N THR B 40 -8.47 12.74 -11.45
CA THR B 40 -8.66 14.16 -11.36
C THR B 40 -9.44 14.59 -10.11
N MET B 41 -9.45 15.87 -9.89
CA MET B 41 -10.27 16.45 -8.85
C MET B 41 -11.40 17.27 -9.47
N GLY B 42 -11.74 16.97 -10.71
CA GLY B 42 -12.77 17.74 -11.42
C GLY B 42 -12.32 19.16 -11.72
N ALA B 43 -13.28 20.05 -11.96
CA ALA B 43 -13.03 21.39 -12.49
C ALA B 43 -12.08 21.31 -13.69
N LEU B 44 -12.48 20.52 -14.70
CA LEU B 44 -11.56 20.15 -15.79
C LEU B 44 -11.24 21.28 -16.74
N HIS B 45 -9.97 21.41 -17.09
CA HIS B 45 -9.52 22.31 -18.15
C HIS B 45 -8.68 21.58 -19.20
N GLU B 46 -8.15 22.31 -20.17
CA GLU B 46 -7.39 21.70 -21.28
C GLU B 46 -6.19 20.86 -20.82
N GLY B 47 -5.61 21.22 -19.67
CA GLY B 47 -4.54 20.43 -19.04
C GLY B 47 -5.03 19.00 -18.75
N HIS B 48 -6.20 18.88 -18.11
CA HIS B 48 -6.80 17.56 -17.88
C HIS B 48 -7.15 16.83 -19.16
N LEU B 49 -7.65 17.56 -20.16
CA LEU B 49 -8.02 16.95 -21.47
C LEU B 49 -6.80 16.38 -22.18
N ALA B 50 -5.64 17.01 -21.97
CA ALA B 50 -4.40 16.45 -22.51
C ALA B 50 -4.10 15.08 -21.93
N LEU B 51 -4.37 14.87 -20.63
CA LEU B 51 -4.21 13.54 -20.04
C LEU B 51 -5.18 12.53 -20.67
N VAL B 52 -6.43 12.97 -20.83
CA VAL B 52 -7.46 12.14 -21.45
C VAL B 52 -7.04 11.73 -22.86
N ARG B 53 -6.57 12.71 -23.65
CA ARG B 53 -6.17 12.42 -25.03
C ARG B 53 -5.01 11.46 -25.14
N ALA B 54 -4.08 11.56 -24.18
CA ALA B 54 -2.95 10.64 -24.12
C ALA B 54 -3.44 9.21 -23.86
N ALA B 55 -4.39 9.10 -22.93
CA ALA B 55 -5.00 7.81 -22.58
C ALA B 55 -5.74 7.20 -23.79
N LYS B 56 -6.53 8.02 -24.47
CA LYS B 56 -7.35 7.59 -25.59
C LYS B 56 -6.55 6.98 -26.74
N ARG B 57 -5.35 7.50 -26.98
CA ARG B 57 -4.64 7.08 -28.17
C ARG B 57 -3.97 5.71 -28.04
N VAL B 58 -3.93 5.14 -26.84
CA VAL B 58 -3.47 3.76 -26.65
C VAL B 58 -4.46 2.80 -27.35
N PRO B 59 -3.95 1.98 -28.28
CA PRO B 59 -4.87 1.08 -28.97
C PRO B 59 -5.58 0.12 -28.01
N GLY B 60 -6.89 0.00 -28.19
CA GLY B 60 -7.72 -0.85 -27.32
C GLY B 60 -8.17 -0.16 -26.05
N SER B 61 -7.79 1.10 -25.88
CA SER B 61 -8.04 1.82 -24.61
C SER B 61 -9.52 1.90 -24.26
N VAL B 62 -9.82 1.76 -22.98
CA VAL B 62 -11.04 2.34 -22.44
C VAL B 62 -10.54 3.25 -21.31
N VAL B 63 -11.03 4.48 -21.33
CA VAL B 63 -10.53 5.54 -20.45
C VAL B 63 -11.42 5.68 -19.22
N VAL B 64 -10.82 5.57 -18.04
CA VAL B 64 -11.54 5.83 -16.81
C VAL B 64 -11.02 7.17 -16.28
N VAL B 65 -11.90 8.15 -16.10
CA VAL B 65 -11.52 9.41 -15.44
C VAL B 65 -12.17 9.44 -14.08
N SER B 66 -11.35 9.49 -13.03
CA SER B 66 -11.92 9.63 -11.68
C SER B 66 -12.01 11.10 -11.35
N ILE B 67 -13.09 11.46 -10.66
CA ILE B 67 -13.26 12.81 -10.16
C ILE B 67 -13.52 12.65 -8.68
N PHE B 68 -12.57 13.12 -7.87
CA PHE B 68 -12.72 12.97 -6.43
C PHE B 68 -11.89 14.01 -5.72
N VAL B 69 -12.55 14.82 -4.91
CA VAL B 69 -11.85 15.81 -4.12
C VAL B 69 -11.46 15.13 -2.83
N ASN B 70 -10.16 14.84 -2.75
CA ASN B 70 -9.61 14.05 -1.67
C ASN B 70 -9.43 14.97 -0.48
N PRO B 71 -10.22 14.75 0.60
CA PRO B 71 -10.09 15.65 1.75
C PRO B 71 -8.76 15.46 2.49
N MET B 72 -8.14 14.30 2.29
CA MET B 72 -6.88 13.92 2.96
C MET B 72 -5.64 14.63 2.40
N GLN B 73 -5.73 15.16 1.18
CA GLN B 73 -4.63 15.96 0.62
C GLN B 73 -4.96 17.46 0.70
N THR B 86 -17.89 21.70 -10.52
CA THR B 86 -18.94 21.69 -11.53
C THR B 86 -19.10 20.31 -12.16
N PRO B 87 -19.82 19.38 -11.48
CA PRO B 87 -19.91 17.99 -11.95
C PRO B 87 -20.55 17.86 -13.33
N ASP B 88 -21.68 18.52 -13.54
CA ASP B 88 -22.39 18.48 -14.83
C ASP B 88 -21.52 18.95 -15.99
N ASP B 89 -20.82 20.07 -15.80
CA ASP B 89 -19.89 20.59 -16.79
C ASP B 89 -18.71 19.66 -17.06
N ASP B 90 -18.12 19.11 -15.99
CA ASP B 90 -17.03 18.15 -16.12
C ASP B 90 -17.45 16.98 -16.98
N LEU B 91 -18.62 16.43 -16.67
CA LEU B 91 -19.13 15.25 -17.37
C LEU B 91 -19.41 15.52 -18.87
N ALA B 92 -19.89 16.73 -19.16
CA ALA B 92 -20.06 17.16 -20.54
C ALA B 92 -18.73 17.22 -21.30
N GLN B 93 -17.68 17.72 -20.65
CA GLN B 93 -16.36 17.75 -21.27
C GLN B 93 -15.85 16.36 -21.56
N LEU B 94 -16.04 15.45 -20.61
CA LEU B 94 -15.65 14.05 -20.79
C LEU B 94 -16.39 13.37 -21.96
N ARG B 95 -17.70 13.63 -22.06
CA ARG B 95 -18.55 13.09 -23.11
C ARG B 95 -18.04 13.58 -24.46
N ALA B 96 -17.70 14.87 -24.51
CA ALA B 96 -17.19 15.48 -25.73
C ALA B 96 -15.84 14.87 -26.14
N GLU B 97 -15.07 14.36 -25.17
CA GLU B 97 -13.80 13.70 -25.47
C GLU B 97 -13.93 12.21 -25.81
N GLY B 98 -15.12 11.64 -25.72
CA GLY B 98 -15.32 10.19 -26.00
C GLY B 98 -14.87 9.24 -24.90
N VAL B 99 -14.79 9.77 -23.68
CA VAL B 99 -14.44 9.00 -22.49
C VAL B 99 -15.62 8.10 -22.14
N GLU B 100 -15.36 6.84 -21.86
CA GLU B 100 -16.45 5.89 -21.60
C GLU B 100 -16.81 5.64 -20.14
N ILE B 101 -15.89 5.95 -19.22
CA ILE B 101 -16.14 5.75 -17.80
C ILE B 101 -15.71 6.97 -16.97
N ALA B 102 -16.66 7.50 -16.19
CA ALA B 102 -16.37 8.48 -15.13
C ALA B 102 -16.63 7.82 -13.76
N PHE B 103 -15.64 7.89 -12.86
CA PHE B 103 -15.76 7.33 -11.53
C PHE B 103 -15.88 8.51 -10.54
N THR B 104 -17.06 8.66 -9.92
CA THR B 104 -17.36 9.85 -9.12
C THR B 104 -17.80 9.47 -7.70
N PRO B 105 -16.87 8.93 -6.88
CA PRO B 105 -17.25 8.40 -5.57
C PRO B 105 -17.45 9.51 -4.54
N THR B 106 -18.17 9.21 -3.46
CA THR B 106 -18.28 10.14 -2.36
C THR B 106 -17.11 9.93 -1.44
N THR B 107 -16.86 10.90 -0.57
CA THR B 107 -15.89 10.71 0.53
C THR B 107 -16.19 9.46 1.36
N ALA B 108 -17.47 9.25 1.69
CA ALA B 108 -17.86 8.09 2.49
C ALA B 108 -17.58 6.75 1.79
N ALA B 109 -17.72 6.71 0.47
CA ALA B 109 -17.49 5.51 -0.31
C ALA B 109 -15.98 5.19 -0.35
N MET B 110 -15.17 6.24 -0.44
CA MET B 110 -13.71 6.07 -0.45
C MET B 110 -13.13 5.79 0.93
N TYR B 111 -13.70 6.44 1.96
CA TYR B 111 -13.22 6.26 3.32
C TYR B 111 -14.33 5.71 4.27
N PRO B 112 -14.86 4.51 3.99
CA PRO B 112 -15.99 4.00 4.81
C PRO B 112 -15.62 3.76 6.25
N ASP B 113 -14.33 3.63 6.53
CA ASP B 113 -13.87 3.43 7.90
C ASP B 113 -13.11 4.64 8.42
N GLY B 114 -13.26 5.78 7.75
CA GLY B 114 -12.45 6.97 8.06
C GLY B 114 -11.00 6.81 7.66
N LEU B 115 -10.13 7.64 8.21
CA LEU B 115 -8.69 7.54 7.95
C LEU B 115 -8.05 6.51 8.88
N ARG B 116 -7.62 5.40 8.31
CA ARG B 116 -7.10 4.32 9.14
C ARG B 116 -5.70 3.89 8.63
N THR B 117 -5.64 2.89 7.75
CA THR B 117 -4.37 2.53 7.13
C THR B 117 -4.06 3.61 6.09
N THR B 118 -2.83 4.09 6.05
CA THR B 118 -2.47 5.11 5.06
C THR B 118 -1.08 4.84 4.46
N VAL B 119 -0.75 5.57 3.40
CA VAL B 119 0.58 5.44 2.81
C VAL B 119 1.48 6.50 3.44
N GLN B 120 2.67 6.09 3.82
CA GLN B 120 3.66 7.02 4.30
C GLN B 120 4.75 7.20 3.22
N PRO B 121 4.78 8.37 2.56
CA PRO B 121 5.82 8.58 1.55
C PRO B 121 7.24 8.58 2.12
N GLY B 122 8.21 8.38 1.24
CA GLY B 122 9.61 8.61 1.63
C GLY B 122 9.88 10.10 1.86
N PRO B 123 11.12 10.43 2.20
CA PRO B 123 11.56 11.79 2.65
C PRO B 123 11.37 12.90 1.60
N LEU B 124 11.30 12.53 0.32
CA LEU B 124 11.00 13.50 -0.73
C LEU B 124 9.70 14.25 -0.43
N ALA B 125 8.74 13.59 0.24
CA ALA B 125 7.46 14.23 0.54
C ALA B 125 7.54 15.41 1.50
N ALA B 126 8.66 15.52 2.22
CA ALA B 126 8.88 16.62 3.19
C ALA B 126 9.54 17.83 2.51
N GLU B 127 10.03 17.63 1.30
CA GLU B 127 10.76 18.70 0.62
C GLU B 127 9.87 19.52 -0.33
N LEU B 128 10.39 20.65 -0.81
CA LEU B 128 9.72 21.43 -1.87
C LEU B 128 8.26 21.71 -1.49
N GLU B 129 7.28 21.12 -2.20
CA GLU B 129 5.87 21.34 -1.84
C GLU B 129 5.51 20.85 -0.43
N GLY B 130 6.28 19.90 0.10
CA GLY B 130 6.06 19.34 1.45
C GLY B 130 6.45 20.29 2.57
N GLY B 131 7.15 21.36 2.21
CA GLY B 131 7.49 22.46 3.12
C GLY B 131 6.29 23.05 3.84
N PRO B 132 5.45 23.82 3.13
CA PRO B 132 4.18 24.30 3.68
C PRO B 132 3.13 23.21 3.96
N ARG B 133 3.13 22.11 3.20
CA ARG B 133 2.08 21.10 3.35
C ARG B 133 2.66 19.72 3.64
N PRO B 134 3.12 19.49 4.88
CA PRO B 134 3.88 18.30 5.20
C PRO B 134 3.11 16.96 5.17
N THR B 135 1.78 17.00 5.14
CA THR B 135 0.98 15.77 5.01
C THR B 135 0.28 15.66 3.65
N HIS B 136 0.51 16.61 2.75
CA HIS B 136 -0.23 16.65 1.47
C HIS B 136 0.03 15.37 0.68
N PHE B 137 1.30 14.99 0.56
CA PHE B 137 1.61 13.84 -0.30
C PHE B 137 1.21 12.48 0.27
N ALA B 138 1.18 12.33 1.60
CA ALA B 138 0.57 11.13 2.20
C ALA B 138 -0.87 11.02 1.70
N GLY B 139 -1.58 12.13 1.65
CA GLY B 139 -2.97 12.11 1.17
C GLY B 139 -3.07 11.69 -0.29
N VAL B 140 -2.23 12.32 -1.12
CA VAL B 140 -2.16 11.97 -2.53
C VAL B 140 -1.83 10.49 -2.79
N LEU B 141 -0.75 9.98 -2.22
CA LEU B 141 -0.35 8.57 -2.45
C LEU B 141 -1.40 7.60 -1.90
N THR B 142 -2.04 7.96 -0.79
CA THR B 142 -3.11 7.10 -0.24
C THR B 142 -4.26 7.00 -1.23
N VAL B 143 -4.74 8.13 -1.72
CA VAL B 143 -5.90 8.10 -2.64
C VAL B 143 -5.52 7.45 -3.98
N VAL B 144 -4.32 7.72 -4.48
CA VAL B 144 -3.86 7.14 -5.75
C VAL B 144 -3.73 5.62 -5.62
N LEU B 145 -3.16 5.15 -4.51
CA LEU B 145 -3.02 3.70 -4.30
C LEU B 145 -4.42 3.05 -4.34
N LYS B 146 -5.39 3.65 -3.65
CA LYS B 146 -6.77 3.16 -3.64
C LYS B 146 -7.41 3.11 -5.03
N LEU B 147 -7.24 4.19 -5.79
CA LEU B 147 -7.80 4.23 -7.15
C LEU B 147 -7.16 3.17 -8.02
N LEU B 148 -5.84 2.96 -7.87
CA LEU B 148 -5.14 1.90 -8.63
C LEU B 148 -5.71 0.52 -8.33
N GLN B 149 -6.03 0.28 -7.05
CA GLN B 149 -6.57 -1.02 -6.62
C GLN B 149 -8.02 -1.22 -7.03
N ILE B 150 -8.79 -0.12 -7.04
CA ILE B 150 -10.20 -0.18 -7.48
C ILE B 150 -10.29 -0.43 -8.99
N VAL B 151 -9.54 0.34 -9.77
CA VAL B 151 -9.65 0.36 -11.23
C VAL B 151 -8.74 -0.65 -11.93
N ARG B 152 -7.61 -0.97 -11.29
CA ARG B 152 -6.57 -1.87 -11.83
C ARG B 152 -6.26 -1.55 -13.31
N PRO B 153 -5.84 -0.31 -13.57
CA PRO B 153 -5.52 0.09 -14.94
C PRO B 153 -4.22 -0.48 -15.43
N ASP B 154 -4.05 -0.54 -16.75
CA ASP B 154 -2.77 -0.90 -17.33
C ASP B 154 -1.81 0.28 -17.26
N ARG B 155 -2.32 1.50 -17.45
CA ARG B 155 -1.51 2.71 -17.36
C ARG B 155 -2.28 3.79 -16.61
N VAL B 156 -1.56 4.61 -15.87
CA VAL B 156 -2.15 5.74 -15.13
C VAL B 156 -1.42 7.03 -15.54
N PHE B 157 -2.18 8.11 -15.70
CA PHE B 157 -1.69 9.34 -16.34
C PHE B 157 -1.72 10.52 -15.37
N PHE B 158 -0.59 11.20 -15.29
CA PHE B 158 -0.41 12.39 -14.44
C PHE B 158 0.32 13.48 -15.22
N GLY B 159 0.04 14.74 -14.88
CA GLY B 159 0.65 15.89 -15.55
C GLY B 159 2.03 16.17 -15.01
N GLU B 160 2.95 16.54 -15.90
CA GLU B 160 4.29 16.95 -15.45
C GLU B 160 4.29 18.24 -14.64
N LYS B 161 3.20 19.01 -14.71
CA LYS B 161 3.11 20.29 -13.97
C LYS B 161 3.32 20.05 -12.48
N ASP B 162 2.76 18.95 -11.97
CA ASP B 162 2.99 18.61 -10.58
C ASP B 162 4.07 17.56 -10.52
N TYR B 163 5.30 18.01 -10.81
CA TYR B 163 6.39 17.08 -11.06
C TYR B 163 6.73 16.25 -9.83
N GLN B 164 6.75 16.90 -8.66
CA GLN B 164 7.11 16.20 -7.43
C GLN B 164 6.07 15.12 -7.13
N GLN B 165 4.79 15.45 -7.33
CA GLN B 165 3.73 14.46 -7.26
C GLN B 165 4.01 13.28 -8.19
N LEU B 166 4.33 13.57 -9.44
CA LEU B 166 4.61 12.51 -10.43
C LEU B 166 5.76 11.60 -9.96
N VAL B 167 6.86 12.19 -9.49
CA VAL B 167 8.02 11.42 -8.95
C VAL B 167 7.65 10.53 -7.75
N LEU B 168 6.85 11.07 -6.82
CA LEU B 168 6.40 10.31 -5.64
C LEU B 168 5.51 9.15 -6.04
N ILE B 169 4.68 9.35 -7.07
CA ILE B 169 3.86 8.24 -7.59
C ILE B 169 4.72 7.16 -8.23
N ARG B 170 5.75 7.56 -8.96
CA ARG B 170 6.72 6.57 -9.44
CA ARG B 170 6.76 6.61 -9.46
C ARG B 170 7.39 5.80 -8.31
N GLN B 171 7.71 6.48 -7.20
CA GLN B 171 8.29 5.81 -6.03
C GLN B 171 7.27 4.84 -5.39
N LEU B 172 6.00 5.27 -5.28
CA LEU B 172 4.91 4.41 -4.79
C LEU B 172 4.84 3.12 -5.62
N VAL B 173 4.81 3.27 -6.94
CA VAL B 173 4.72 2.13 -7.84
C VAL B 173 5.89 1.16 -7.73
N ALA B 174 7.10 1.69 -7.72
CA ALA B 174 8.28 0.85 -7.54
C ALA B 174 8.31 0.18 -6.16
N ASP B 175 8.08 0.97 -5.11
CA ASP B 175 8.24 0.47 -3.75
C ASP B 175 7.22 -0.58 -3.34
N PHE B 176 6.00 -0.48 -3.87
CA PHE B 176 4.94 -1.43 -3.52
C PHE B 176 4.72 -2.49 -4.61
N ASN B 177 5.63 -2.54 -5.60
CA ASN B 177 5.62 -3.55 -6.67
C ASN B 177 4.31 -3.51 -7.45
N LEU B 178 3.79 -2.31 -7.66
CA LEU B 178 2.52 -2.16 -8.41
C LEU B 178 2.70 -2.47 -9.89
N ASP B 179 1.73 -3.21 -10.45
CA ASP B 179 1.75 -3.60 -11.85
C ASP B 179 0.94 -2.60 -12.71
N VAL B 180 1.49 -1.41 -12.90
CA VAL B 180 0.85 -0.36 -13.68
C VAL B 180 2.02 0.50 -14.20
N ALA B 181 1.87 1.02 -15.41
CA ALA B 181 2.84 1.91 -16.01
C ALA B 181 2.39 3.35 -15.69
N VAL B 182 3.31 4.16 -15.18
CA VAL B 182 3.01 5.57 -14.87
C VAL B 182 3.42 6.42 -16.06
N VAL B 183 2.49 7.21 -16.59
CA VAL B 183 2.81 8.03 -17.77
C VAL B 183 2.72 9.50 -17.38
N GLY B 184 3.84 10.21 -17.53
CA GLY B 184 3.87 11.66 -17.34
C GLY B 184 3.50 12.39 -18.61
N VAL B 185 2.61 13.36 -18.49
CA VAL B 185 2.10 14.07 -19.67
C VAL B 185 2.58 15.52 -19.63
N PRO B 186 3.16 16.01 -20.73
CA PRO B 186 3.71 17.38 -20.68
C PRO B 186 2.70 18.47 -20.32
N THR B 187 3.20 19.48 -19.61
CA THR B 187 2.36 20.59 -19.14
C THR B 187 1.72 21.36 -20.30
N VAL B 188 0.41 21.53 -20.20
CA VAL B 188 -0.33 22.36 -21.13
C VAL B 188 -0.23 23.81 -20.68
N ARG B 189 0.04 24.71 -21.62
CA ARG B 189 0.30 26.12 -21.28
C ARG B 189 -0.60 27.07 -22.05
N GLU B 190 -0.88 28.23 -21.45
CA GLU B 190 -1.58 29.33 -22.13
C GLU B 190 -0.62 29.91 -23.16
N ALA B 191 -1.13 30.84 -23.99
CA ALA B 191 -0.36 31.32 -25.13
C ALA B 191 0.97 31.95 -24.72
N ASP B 192 1.02 32.57 -23.54
CA ASP B 192 2.26 33.23 -23.10
C ASP B 192 3.22 32.33 -22.30
N GLY B 193 2.86 31.07 -22.12
CA GLY B 193 3.70 30.16 -21.39
C GLY B 193 3.14 29.74 -20.04
N LEU B 194 2.19 30.51 -19.50
CA LEU B 194 1.72 30.22 -18.14
C LEU B 194 1.08 28.84 -18.08
N ALA B 195 1.56 28.02 -17.15
CA ALA B 195 1.03 26.66 -16.97
C ALA B 195 -0.47 26.72 -16.65
N MET B 196 -1.28 25.92 -17.36
CA MET B 196 -2.75 25.98 -17.08
C MET B 196 -3.08 25.44 -15.69
N SER B 197 -3.94 26.16 -15.00
CA SER B 197 -4.31 25.82 -13.64
C SER B 197 -5.63 26.48 -13.33
N SER B 198 -6.47 25.78 -12.56
CA SER B 198 -7.75 26.38 -12.16
C SER B 198 -7.52 27.67 -11.35
N ARG B 199 -6.37 27.75 -10.68
CA ARG B 199 -6.02 28.91 -9.83
C ARG B 199 -5.72 30.20 -10.60
N ASN B 200 -5.39 30.08 -11.90
CA ASN B 200 -5.03 31.24 -12.71
C ASN B 200 -6.12 32.32 -12.76
N ARG B 201 -7.39 31.90 -12.67
CA ARG B 201 -8.51 32.86 -12.79
C ARG B 201 -8.62 33.77 -11.57
N TYR B 202 -7.96 33.38 -10.48
CA TYR B 202 -7.94 34.22 -9.28
C TYR B 202 -7.01 35.43 -9.40
N LEU B 203 -6.12 35.40 -10.38
CA LEU B 203 -5.11 36.45 -10.53
C LEU B 203 -5.74 37.71 -11.11
N ASP B 204 -5.47 38.84 -10.47
CA ASP B 204 -5.85 40.12 -11.07
C ASP B 204 -4.91 40.46 -12.25
N PRO B 205 -5.24 41.49 -13.04
CA PRO B 205 -4.45 41.77 -14.26
C PRO B 205 -2.93 41.93 -14.04
N ALA B 206 -2.57 42.66 -12.99
CA ALA B 206 -1.16 42.87 -12.68
C ALA B 206 -0.47 41.55 -12.30
N GLN B 207 -1.19 40.73 -11.53
CA GLN B 207 -0.64 39.46 -11.07
C GLN B 207 -0.57 38.51 -12.25
N ARG B 208 -1.58 38.55 -13.11
CA ARG B 208 -1.58 37.65 -14.27
C ARG B 208 -0.44 37.98 -15.23
N ALA B 209 -0.14 39.27 -15.37
CA ALA B 209 0.98 39.72 -16.20
C ALA B 209 2.29 39.29 -15.57
N ALA B 210 2.38 39.41 -14.24
CA ALA B 210 3.63 39.06 -13.53
C ALA B 210 3.88 37.54 -13.52
N ALA B 211 2.80 36.77 -13.54
CA ALA B 211 2.86 35.30 -13.44
C ALA B 211 3.59 34.64 -14.63
N VAL B 212 3.67 35.37 -15.73
CA VAL B 212 4.45 34.89 -16.92
C VAL B 212 5.93 34.67 -16.55
N ALA B 213 6.41 35.36 -15.51
CA ALA B 213 7.83 35.19 -15.07
C ALA B 213 8.21 33.75 -14.68
N LEU B 214 7.28 32.96 -14.15
CA LEU B 214 7.61 31.55 -13.83
C LEU B 214 8.09 30.77 -15.03
N SER B 215 7.26 30.70 -16.07
CA SER B 215 7.60 29.95 -17.28
C SER B 215 8.74 30.58 -18.07
N ALA B 216 8.76 31.91 -18.12
CA ALA B 216 9.85 32.65 -18.79
C ALA B 216 11.17 32.34 -18.10
N ALA B 217 11.17 32.33 -16.76
CA ALA B 217 12.38 32.03 -15.98
C ALA B 217 12.89 30.60 -16.31
N LEU B 218 11.95 29.66 -16.37
CA LEU B 218 12.32 28.25 -16.60
C LEU B 218 12.88 28.01 -18.02
N THR B 219 12.20 28.54 -19.02
CA THR B 219 12.66 28.40 -20.40
C THR B 219 13.99 29.13 -20.62
N ALA B 220 14.16 30.29 -19.98
CA ALA B 220 15.44 31.01 -20.07
C ALA B 220 16.56 30.13 -19.49
N ALA B 221 16.29 29.55 -18.33
CA ALA B 221 17.24 28.61 -17.68
C ALA B 221 17.58 27.42 -18.58
N ALA B 222 16.58 26.84 -19.23
CA ALA B 222 16.80 25.64 -20.08
C ALA B 222 17.78 25.95 -21.20
N HIS B 223 17.71 27.17 -21.72
CA HIS B 223 18.62 27.58 -22.80
C HIS B 223 19.95 28.11 -22.31
N ALA B 224 19.95 28.69 -21.13
CA ALA B 224 21.18 29.15 -20.51
C ALA B 224 22.07 27.97 -20.11
N ALA B 225 21.47 26.78 -19.98
CA ALA B 225 22.12 25.59 -19.39
C ALA B 225 23.32 25.07 -20.17
N THR B 226 23.43 25.43 -21.45
CA THR B 226 24.68 25.19 -22.21
C THR B 226 25.90 25.79 -21.53
N ALA B 227 25.71 26.86 -20.74
CA ALA B 227 26.78 27.50 -19.97
C ALA B 227 26.95 26.97 -18.53
N GLY B 228 26.18 25.95 -18.17
CA GLY B 228 26.34 25.25 -16.90
C GLY B 228 25.19 25.50 -15.94
N ALA B 229 25.23 24.78 -14.82
CA ALA B 229 24.14 24.82 -13.82
C ALA B 229 23.97 26.19 -13.20
N GLN B 230 25.07 26.82 -12.86
CA GLN B 230 24.97 28.12 -12.20
C GLN B 230 24.38 29.18 -13.14
N ALA B 231 24.77 29.13 -14.42
CA ALA B 231 24.24 30.08 -15.41
C ALA B 231 22.74 29.88 -15.55
N ALA B 232 22.31 28.63 -15.54
CA ALA B 232 20.89 28.32 -15.68
C ALA B 232 20.13 28.87 -14.47
N LEU B 233 20.63 28.58 -13.27
CA LEU B 233 19.94 29.09 -12.06
C LEU B 233 19.92 30.60 -11.99
N ASP B 234 21.04 31.23 -12.36
CA ASP B 234 21.15 32.69 -12.27
C ASP B 234 20.21 33.35 -13.28
N ALA B 235 20.11 32.77 -14.48
CA ALA B 235 19.22 33.30 -15.52
C ALA B 235 17.76 33.22 -15.03
N ALA B 236 17.38 32.09 -14.43
CA ALA B 236 16.01 31.97 -13.90
C ALA B 236 15.75 32.98 -12.78
N ARG B 237 16.71 33.14 -11.86
CA ARG B 237 16.52 34.10 -10.75
C ARG B 237 16.35 35.53 -11.30
N ALA B 238 17.14 35.88 -12.30
CA ALA B 238 17.06 37.20 -12.92
C ALA B 238 15.66 37.50 -13.47
N VAL B 239 15.08 36.53 -14.18
CA VAL B 239 13.75 36.72 -14.75
C VAL B 239 12.70 36.92 -13.63
N LEU B 240 12.74 36.05 -12.63
CA LEU B 240 11.85 36.20 -11.47
C LEU B 240 12.10 37.52 -10.75
N ASP B 241 13.36 37.95 -10.68
CA ASP B 241 13.70 39.27 -10.09
C ASP B 241 13.15 40.48 -10.86
N ALA B 242 12.73 40.28 -12.11
CA ALA B 242 12.18 41.38 -12.91
C ALA B 242 10.66 41.51 -12.75
N ALA B 243 10.04 40.65 -11.95
CA ALA B 243 8.57 40.65 -11.77
C ALA B 243 8.18 41.26 -10.43
N PRO B 244 7.15 42.13 -10.43
CA PRO B 244 6.72 42.65 -9.14
C PRO B 244 5.67 41.71 -8.49
N GLY B 245 5.66 41.66 -7.16
CA GLY B 245 4.63 40.92 -6.42
C GLY B 245 4.68 39.42 -6.60
N VAL B 246 5.87 38.88 -6.86
CA VAL B 246 6.06 37.43 -7.05
C VAL B 246 7.02 36.97 -5.94
N ALA B 247 6.45 36.33 -4.95
CA ALA B 247 7.20 35.89 -3.76
C ALA B 247 7.65 34.45 -3.99
N VAL B 248 8.93 34.30 -4.34
CA VAL B 248 9.46 33.00 -4.67
C VAL B 248 9.61 32.13 -3.42
N ASP B 249 8.94 30.99 -3.42
CA ASP B 249 9.06 30.06 -2.29
C ASP B 249 10.28 29.16 -2.44
N TYR B 250 10.53 28.69 -3.67
CA TYR B 250 11.78 28.00 -3.97
C TYR B 250 12.06 28.05 -5.45
N LEU B 251 13.33 27.86 -5.78
CA LEU B 251 13.80 27.69 -7.14
C LEU B 251 14.98 26.71 -7.03
N GLU B 252 14.78 25.48 -7.48
CA GLU B 252 15.72 24.39 -7.21
C GLU B 252 15.98 23.52 -8.43
N LEU B 253 17.25 23.23 -8.69
CA LEU B 253 17.63 22.33 -9.75
C LEU B 253 17.99 20.99 -9.10
N ARG B 254 17.36 19.91 -9.56
CA ARG B 254 17.58 18.57 -9.00
C ARG B 254 17.76 17.58 -10.14
N ASP B 255 18.13 16.34 -9.84
CA ASP B 255 18.17 15.34 -10.91
C ASP B 255 16.74 14.96 -11.24
N ILE B 256 16.54 14.09 -12.22
CA ILE B 256 15.20 13.84 -12.70
C ILE B 256 14.32 13.09 -11.68
N GLY B 257 14.96 12.37 -10.74
CA GLY B 257 14.23 11.70 -9.65
C GLY B 257 14.15 12.57 -8.40
N LEU B 258 14.55 13.84 -8.53
CA LEU B 258 14.52 14.87 -7.47
C LEU B 258 15.53 14.67 -6.35
N GLY B 259 16.54 13.85 -6.63
CA GLY B 259 17.74 13.84 -5.81
C GLY B 259 18.65 15.00 -6.19
N PRO B 260 19.87 15.05 -5.62
CA PRO B 260 20.82 16.12 -5.92
C PRO B 260 21.21 16.13 -7.40
N MET B 261 21.31 17.31 -7.97
CA MET B 261 21.70 17.47 -9.38
C MET B 261 23.12 16.94 -9.62
N PRO B 262 23.30 16.03 -10.59
CA PRO B 262 24.65 15.59 -10.97
C PRO B 262 25.46 16.72 -11.62
N LEU B 263 26.75 16.51 -11.80
CA LEU B 263 27.63 17.54 -12.36
C LEU B 263 27.28 17.88 -13.82
N ASN B 264 26.91 16.83 -14.56
CA ASN B 264 26.40 16.94 -15.92
C ASN B 264 25.24 15.97 -16.10
N GLY B 265 24.51 16.11 -17.20
CA GLY B 265 23.41 15.19 -17.48
C GLY B 265 22.06 15.85 -17.29
N SER B 266 21.03 15.03 -17.14
CA SER B 266 19.65 15.50 -17.13
C SER B 266 19.22 15.94 -15.75
N GLY B 267 18.43 17.01 -15.70
CA GLY B 267 17.88 17.45 -14.44
C GLY B 267 16.50 18.04 -14.63
N ARG B 268 15.99 18.58 -13.53
CA ARG B 268 14.69 19.28 -13.53
C ARG B 268 14.84 20.53 -12.70
N LEU B 269 14.37 21.65 -13.24
CA LEU B 269 14.33 22.91 -12.46
C LEU B 269 12.90 23.19 -12.05
N LEU B 270 12.69 23.43 -10.76
CA LEU B 270 11.35 23.60 -10.21
C LEU B 270 11.23 24.96 -9.52
N VAL B 271 10.07 25.58 -9.67
CA VAL B 271 9.83 26.87 -9.03
C VAL B 271 8.42 26.89 -8.41
N ALA B 272 8.26 27.60 -7.30
CA ALA B 272 6.94 27.89 -6.79
C ALA B 272 6.95 29.31 -6.23
N ALA B 273 5.84 30.01 -6.40
CA ALA B 273 5.76 31.40 -5.97
C ALA B 273 4.35 31.76 -5.55
N ARG B 274 4.26 32.75 -4.67
CA ARG B 274 2.94 33.26 -4.24
C ARG B 274 2.71 34.63 -4.86
N LEU B 275 1.55 34.80 -5.50
CA LEU B 275 1.09 36.07 -6.04
C LEU B 275 -0.17 36.44 -5.29
N GLY B 276 -0.03 37.35 -4.32
CA GLY B 276 -1.16 37.62 -3.41
C GLY B 276 -1.42 36.33 -2.65
N THR B 277 -2.64 35.83 -2.71
CA THR B 277 -2.98 34.61 -1.97
C THR B 277 -2.91 33.36 -2.86
N THR B 278 -2.49 33.56 -4.10
CA THR B 278 -2.52 32.46 -5.10
C THR B 278 -1.11 31.87 -5.25
N ARG B 279 -0.98 30.55 -5.02
CA ARG B 279 0.32 29.90 -5.15
C ARG B 279 0.40 29.15 -6.48
N LEU B 280 1.46 29.43 -7.24
CA LEU B 280 1.64 28.83 -8.56
C LEU B 280 2.91 27.98 -8.59
N LEU B 281 2.91 26.94 -9.42
CA LEU B 281 4.08 26.05 -9.52
C LEU B 281 4.41 25.88 -10.99
N ASP B 282 5.67 25.62 -11.30
CA ASP B 282 6.05 25.23 -12.66
C ASP B 282 7.39 24.50 -12.61
N ASN B 283 7.74 23.82 -13.68
CA ASN B 283 9.03 23.11 -13.74
C ASN B 283 9.39 22.77 -15.19
N ILE B 284 10.65 22.45 -15.44
CA ILE B 284 11.10 22.15 -16.81
C ILE B 284 12.32 21.23 -16.80
N ALA B 285 12.43 20.41 -17.85
CA ALA B 285 13.61 19.60 -18.11
C ALA B 285 14.80 20.51 -18.35
N ILE B 286 15.94 20.13 -17.80
CA ILE B 286 17.21 20.85 -17.97
C ILE B 286 18.29 19.82 -18.39
N GLU B 287 19.11 20.14 -19.37
CA GLU B 287 20.27 19.32 -19.70
C GLU B 287 21.51 20.16 -19.44
N ILE B 288 22.39 19.70 -18.54
CA ILE B 288 23.55 20.51 -18.13
C ILE B 288 24.76 20.40 -19.06
N GLY B 289 25.06 21.51 -19.74
CA GLY B 289 26.11 21.58 -20.75
C GLY B 289 25.63 21.11 -22.13
N1 A4D C . -1.52 -22.27 13.87
C2 A4D C . -1.98 -21.65 12.78
N3 A4D C . -1.28 -20.69 12.18
C4 A4D C . -0.06 -20.31 12.67
C5 A4D C . 0.44 -20.95 13.80
C6 A4D C . -0.32 -21.93 14.40
N6 A4D C . 0.14 -22.52 15.50
N7 A4D C . 1.64 -20.41 14.07
C8 A4D C . 1.88 -19.48 13.14
N9 A4D C . 0.85 -19.42 12.29
OAB A4D C . 0.03 -16.31 9.53
OAC A4D C . -0.27 -16.59 12.26
SAD A4D C . 4.13 -15.44 9.12
CAG A4D C . 3.67 -17.05 9.83
OAK A4D C . 1.86 -18.71 10.21
CAO A4D C . 1.22 -16.39 10.29
CAP A4D C . 0.94 -17.07 11.62
CAQ A4D C . 2.17 -17.40 9.60
CAR A4D C . 0.76 -18.51 11.14
S SO4 D . 5.42 -18.72 14.08
O1 SO4 D . 5.23 -17.90 15.27
O2 SO4 D . 4.57 -19.89 14.17
O3 SO4 D . 5.08 -17.96 12.89
O4 SO4 D . 6.80 -19.18 13.99
C1 GOL E . 11.76 0.07 -1.33
O1 GOL E . 12.95 -0.67 -1.12
C2 GOL E . 10.47 -0.51 -0.74
O2 GOL E . 10.32 -1.90 -0.84
C3 GOL E . 10.12 0.00 0.66
O3 GOL E . 10.10 1.42 0.71
C1 GOL F . 4.09 -11.53 8.69
O1 GOL F . 4.60 -11.31 10.00
C2 GOL F . 5.17 -12.08 7.77
O2 GOL F . 6.05 -11.08 7.26
C3 GOL F . 4.55 -12.83 6.62
O3 GOL F . 5.23 -12.43 5.45
C1 GOL G . 20.94 2.55 -3.53
O1 GOL G . 20.28 2.94 -2.34
C2 GOL G . 20.17 3.02 -4.75
O2 GOL G . 18.78 2.94 -4.49
C3 GOL G . 20.58 4.45 -5.05
O3 GOL G . 20.53 4.68 -6.45
C1 EOH H . 9.77 5.38 5.56
C2 EOH H . 8.35 5.80 5.19
O EOH H . 10.72 6.23 4.95
C1 EOH I . -8.68 -27.60 27.78
C2 EOH I . -8.54 -29.12 27.72
O EOH I . -7.54 -26.89 28.27
N1 A4D J . -0.92 20.38 -17.91
C2 A4D J . -0.85 19.04 -17.79
N3 A4D J . -1.40 18.42 -16.74
C4 A4D J . -2.04 19.14 -15.78
C5 A4D J . -2.13 20.53 -15.88
C6 A4D J . -1.54 21.14 -16.99
N6 A4D J . -1.56 22.48 -17.14
N7 A4D J . -2.80 20.99 -14.81
C8 A4D J . -3.12 19.92 -14.08
N9 A4D J . -2.68 18.80 -14.67
OAB A4D J . -2.15 14.95 -12.97
OAC A4D J . -0.72 17.29 -12.81
SAD A4D J . -5.39 15.79 -10.17
CAG A4D J . -5.17 16.91 -11.60
OAK A4D J . -4.17 17.22 -13.84
CAO A4D J . -2.76 16.06 -12.26
CAP A4D J . -2.15 17.37 -12.75
CAQ A4D J . -4.23 16.28 -12.70
CAR A4D J . -2.80 17.43 -14.15
S SO4 K . -5.18 22.10 -11.37
O1 SO4 K . -5.87 20.81 -11.37
O2 SO4 K . -5.71 22.96 -12.41
O3 SO4 K . -5.38 22.78 -10.09
O4 SO4 K . -3.77 21.83 -11.54
C1 GOL L . -5.81 12.64 -8.04
O1 GOL L . -6.80 11.71 -7.65
C2 GOL L . -4.89 12.85 -6.86
O2 GOL L . -5.69 13.35 -5.81
C3 GOL L . -3.78 13.81 -7.29
O3 GOL L . -3.66 14.95 -6.46
#